data_2H3L
#
_entry.id   2H3L
#
_cell.length_a   38.864
_cell.length_b   44.032
_cell.length_c   57.265
_cell.angle_alpha   90.00
_cell.angle_beta   106.18
_cell.angle_gamma   90.00
#
_symmetry.space_group_name_H-M   'P 1 21 1'
#
loop_
_entity.id
_entity.type
_entity.pdbx_description
1 polymer 'LAP2 protein'
2 water water
#
_entity_poly.entity_id   1
_entity_poly.type   'polypeptide(L)'
_entity_poly.pdbx_seq_one_letter_code
;GSHMGHELAKQEIRVRVEKDPELGFSISGGVGGRGNPFRPDDDGIFVTRVQPEGPASKLLQPGDKIIQANGYSFINIEHG
QAVSLLKTFQNTVELIIVREVSS
;
_entity_poly.pdbx_strand_id   A,B
#
# COMPACT_ATOMS: atom_id res chain seq x y z
N GLY A 1 33.40 -13.86 0.33
CA GLY A 1 32.03 -14.09 0.88
C GLY A 1 31.95 -13.88 2.38
N SER A 2 30.80 -14.19 2.96
CA SER A 2 30.59 -13.98 4.38
C SER A 2 31.47 -14.85 5.25
N HIS A 3 31.76 -16.05 4.74
CA HIS A 3 32.55 -17.04 5.41
C HIS A 3 33.88 -17.31 4.66
N MET A 4 34.98 -17.45 5.39
CA MET A 4 36.30 -17.66 4.80
C MET A 4 36.46 -19.08 4.30
N GLY A 5 36.48 -19.21 2.98
CA GLY A 5 36.79 -20.48 2.35
C GLY A 5 35.66 -21.48 2.28
N HIS A 6 34.47 -21.12 2.76
CA HIS A 6 33.34 -22.01 2.67
C HIS A 6 32.06 -21.18 2.58
N GLU A 7 30.99 -21.84 2.13
CA GLU A 7 29.67 -21.27 2.07
C GLU A 7 28.71 -22.21 2.77
N LEU A 8 27.91 -21.67 3.68
CA LEU A 8 26.92 -22.48 4.37
C LEU A 8 25.85 -22.97 3.39
N ALA A 9 25.29 -24.12 3.70
CA ALA A 9 24.09 -24.61 3.02
C ALA A 9 22.97 -23.58 3.14
N LYS A 10 22.09 -23.59 2.16
CA LYS A 10 20.95 -22.66 2.09
C LYS A 10 19.67 -23.45 1.92
N GLN A 11 18.62 -23.04 2.64
CA GLN A 11 17.29 -23.59 2.44
C GLN A 11 16.31 -22.46 2.14
N GLU A 12 15.49 -22.64 1.09
CA GLU A 12 14.39 -21.73 0.81
C GLU A 12 13.16 -22.26 1.57
N ILE A 13 12.50 -21.37 2.30
CA ILE A 13 11.38 -21.73 3.16
C ILE A 13 10.26 -20.73 2.91
N ARG A 14 9.02 -21.24 2.84
CA ARG A 14 7.84 -20.40 2.78
C ARG A 14 7.18 -20.37 4.17
N VAL A 15 6.94 -19.16 4.68
CA VAL A 15 6.26 -18.97 5.97
C VAL A 15 5.20 -17.88 5.83
N ARG A 16 4.19 -17.97 6.69
CA ARG A 16 3.12 -16.99 6.77
C ARG A 16 3.07 -16.36 8.14
N VAL A 17 3.31 -15.06 8.17
CA VAL A 17 3.26 -14.31 9.41
C VAL A 17 1.92 -13.56 9.43
N GLU A 18 1.20 -13.71 10.53
CA GLU A 18 -0.07 -13.00 10.73
C GLU A 18 0.20 -11.72 11.50
N LYS A 19 0.18 -10.59 10.82
CA LYS A 19 0.45 -9.29 11.45
C LYS A 19 -0.59 -9.03 12.54
N ASP A 20 -0.16 -8.47 13.67
CA ASP A 20 -1.02 -8.45 14.86
C ASP A 20 -1.26 -7.11 15.59
N PRO A 21 -1.36 -5.98 14.85
CA PRO A 21 -1.23 -5.74 13.42
C PRO A 21 0.20 -5.41 12.95
N GLU A 22 1.19 -5.61 13.81
CA GLU A 22 2.59 -5.35 13.42
C GLU A 22 3.25 -6.62 12.90
N LEU A 23 4.40 -6.46 12.25
CA LEU A 23 5.13 -7.56 11.62
C LEU A 23 5.67 -8.56 12.63
N GLY A 24 6.14 -8.05 13.76
CA GLY A 24 6.83 -8.86 14.73
C GLY A 24 8.29 -9.16 14.40
N PHE A 25 8.85 -8.46 13.43
CA PHE A 25 10.26 -8.58 13.10
C PHE A 25 10.73 -7.29 12.46
N SER A 26 12.04 -7.11 12.46
CA SER A 26 12.69 -5.96 11.86
C SER A 26 13.56 -6.40 10.68
N ILE A 27 13.78 -5.49 9.73
CA ILE A 27 14.63 -5.77 8.58
C ILE A 27 15.68 -4.70 8.41
N SER A 28 16.72 -5.08 7.68
CA SER A 28 17.69 -4.13 7.17
C SER A 28 18.17 -4.63 5.83
N GLY A 29 18.65 -3.74 5.00
CA GLY A 29 19.35 -4.14 3.79
C GLY A 29 19.02 -3.27 2.64
N GLY A 30 18.89 -3.85 1.45
CA GLY A 30 18.49 -3.11 0.27
C GLY A 30 19.63 -2.62 -0.60
N VAL A 31 19.32 -2.47 -1.89
CA VAL A 31 20.30 -1.92 -2.83
C VAL A 31 20.64 -0.50 -2.44
N GLY A 32 21.94 -0.20 -2.28
CA GLY A 32 22.40 1.11 -1.78
C GLY A 32 21.86 1.38 -0.39
N GLY A 33 21.57 0.31 0.37
CA GLY A 33 20.75 0.41 1.59
C GLY A 33 21.52 0.39 2.90
N ARG A 34 20.87 0.01 4.01
CA ARG A 34 21.42 0.09 5.38
C ARG A 34 22.33 -1.04 5.79
N GLY A 35 22.54 -1.99 4.89
CA GLY A 35 23.48 -3.06 5.15
C GLY A 35 22.90 -4.15 6.04
N ASN A 36 23.73 -5.13 6.38
CA ASN A 36 23.30 -6.19 7.28
C ASN A 36 24.55 -6.86 7.87
N PRO A 37 24.42 -7.48 9.05
CA PRO A 37 25.56 -8.10 9.71
C PRO A 37 25.80 -9.58 9.42
N PHE A 38 25.09 -10.12 8.43
CA PHE A 38 25.13 -11.56 8.14
C PHE A 38 25.98 -11.86 6.90
N ARG A 39 25.62 -11.22 5.80
CA ARG A 39 26.27 -11.32 4.50
C ARG A 39 26.48 -9.87 4.05
N PRO A 40 27.50 -9.21 4.58
CA PRO A 40 27.54 -7.75 4.46
C PRO A 40 27.65 -7.24 3.02
N ASP A 41 28.17 -8.06 2.12
CA ASP A 41 28.33 -7.70 0.72
C ASP A 41 27.12 -8.09 -0.13
N ASP A 42 26.08 -8.61 0.50
CA ASP A 42 24.81 -8.97 -0.14
C ASP A 42 23.84 -7.82 0.15
N ASP A 43 23.32 -7.19 -0.91
CA ASP A 43 22.39 -6.05 -0.80
C ASP A 43 20.94 -6.44 -0.57
N GLY A 44 20.70 -7.69 -0.24
CA GLY A 44 19.35 -8.14 0.03
C GLY A 44 18.75 -7.61 1.33
N ILE A 45 17.53 -8.05 1.57
CA ILE A 45 16.74 -7.70 2.74
C ILE A 45 16.85 -8.83 3.75
N PHE A 46 17.33 -8.50 4.96
CA PHE A 46 17.56 -9.49 6.01
C PHE A 46 16.75 -9.17 7.23
N VAL A 47 16.26 -10.23 7.88
CA VAL A 47 15.66 -10.12 9.21
C VAL A 47 16.75 -9.87 10.23
N THR A 48 16.67 -8.74 10.93
CA THR A 48 17.68 -8.39 11.94
C THR A 48 17.25 -8.72 13.37
N ARG A 49 15.95 -8.75 13.62
CA ARG A 49 15.40 -8.98 14.96
C ARG A 49 14.04 -9.62 14.82
N VAL A 50 13.71 -10.47 15.77
CA VAL A 50 12.39 -11.09 15.83
C VAL A 50 11.85 -10.79 17.23
N GLN A 51 10.64 -10.22 17.28
CA GLN A 51 10.03 -9.86 18.56
C GLN A 51 9.73 -11.12 19.33
N PRO A 52 10.25 -11.23 20.57
CA PRO A 52 9.97 -12.43 21.36
C PRO A 52 8.47 -12.49 21.64
N GLU A 53 7.93 -13.71 21.62
CA GLU A 53 6.51 -13.95 21.86
C GLU A 53 5.62 -13.12 20.93
N GLY A 54 6.06 -12.94 19.69
CA GLY A 54 5.31 -12.21 18.67
C GLY A 54 4.93 -13.11 17.51
N PRO A 55 4.27 -12.57 16.48
CA PRO A 55 3.73 -13.41 15.41
C PRO A 55 4.79 -14.11 14.52
N ALA A 56 6.05 -13.70 14.59
CA ALA A 56 7.09 -14.36 13.80
C ALA A 56 8.03 -15.24 14.64
N SER A 57 7.78 -15.33 15.95
CA SER A 57 8.71 -16.00 16.87
C SER A 57 8.99 -17.46 16.55
N LYS A 58 8.00 -18.15 15.99
CA LYS A 58 8.19 -19.56 15.66
C LYS A 58 8.57 -19.77 14.21
N LEU A 59 8.66 -18.69 13.45
CA LEU A 59 8.75 -18.77 12.00
C LEU A 59 10.05 -18.22 11.42
N LEU A 60 10.50 -17.07 11.91
CA LEU A 60 11.67 -16.38 11.40
C LEU A 60 12.79 -16.38 12.44
N GLN A 61 14.00 -16.18 11.92
CA GLN A 61 15.19 -16.05 12.73
C GLN A 61 16.06 -14.93 12.18
N PRO A 62 16.82 -14.26 13.06
CA PRO A 62 17.80 -13.30 12.56
C PRO A 62 18.69 -13.94 11.52
N GLY A 63 18.93 -13.19 10.45
CA GLY A 63 19.75 -13.67 9.36
C GLY A 63 18.99 -14.19 8.17
N ASP A 64 17.69 -14.44 8.34
CA ASP A 64 16.88 -14.91 7.20
C ASP A 64 16.88 -13.81 6.14
N LYS A 65 17.03 -14.21 4.88
CA LYS A 65 16.98 -13.26 3.77
C LYS A 65 15.60 -13.37 3.12
N ILE A 66 14.88 -12.26 3.03
CA ILE A 66 13.56 -12.27 2.41
C ILE A 66 13.73 -12.06 0.91
N ILE A 67 13.29 -13.03 0.11
CA ILE A 67 13.36 -12.90 -1.34
C ILE A 67 12.03 -12.60 -2.00
N GLN A 68 10.92 -12.81 -1.30
CA GLN A 68 9.60 -12.51 -1.85
C GLN A 68 8.66 -12.28 -0.66
N ALA A 69 7.72 -11.34 -0.82
CA ALA A 69 6.71 -11.08 0.22
C ALA A 69 5.40 -10.80 -0.49
N ASN A 70 4.39 -11.59 -0.19
CA ASN A 70 3.08 -11.47 -0.84
C ASN A 70 3.18 -11.29 -2.36
N GLY A 71 4.06 -12.05 -2.98
CA GLY A 71 4.20 -12.07 -4.44
C GLY A 71 5.03 -10.95 -5.03
N TYR A 72 5.54 -10.06 -4.19
CA TYR A 72 6.45 -9.00 -4.60
C TYR A 72 7.88 -9.49 -4.44
N SER A 73 8.72 -9.19 -5.43
CA SER A 73 10.17 -9.52 -5.33
C SER A 73 10.92 -8.57 -4.43
N PHE A 74 11.72 -9.15 -3.54
CA PHE A 74 12.61 -8.41 -2.64
C PHE A 74 14.06 -8.54 -3.10
N ILE A 75 14.25 -8.98 -4.34
CA ILE A 75 15.60 -9.06 -4.92
C ILE A 75 15.85 -7.78 -5.74
N ASN A 76 16.97 -7.10 -5.55
CA ASN A 76 17.26 -5.74 -6.14
C ASN A 76 16.33 -4.65 -5.63
N ILE A 77 15.66 -4.89 -4.54
CA ILE A 77 14.76 -3.91 -3.95
C ILE A 77 15.59 -2.98 -3.03
N GLU A 78 15.13 -1.75 -2.87
CA GLU A 78 15.71 -0.79 -1.95
C GLU A 78 15.08 -0.96 -0.56
N HIS A 79 15.76 -0.46 0.45
CA HIS A 79 15.30 -0.57 1.81
C HIS A 79 13.93 0.09 1.93
N GLY A 80 13.79 1.33 1.49
CA GLY A 80 12.53 2.06 1.64
C GLY A 80 11.35 1.39 0.96
N GLN A 81 11.59 0.86 -0.24
CA GLN A 81 10.56 0.12 -0.98
C GLN A 81 10.10 -1.13 -0.21
N ALA A 82 11.05 -1.85 0.35
CA ALA A 82 10.72 -3.04 1.14
C ALA A 82 9.92 -2.66 2.38
N VAL A 83 10.37 -1.63 3.09
CA VAL A 83 9.65 -1.19 4.28
C VAL A 83 8.22 -0.74 3.91
N SER A 84 8.11 0.06 2.84
CA SER A 84 6.82 0.59 2.40
C SER A 84 5.87 -0.54 2.01
N LEU A 85 6.39 -1.52 1.28
CA LEU A 85 5.57 -2.64 0.87
C LEU A 85 5.08 -3.43 2.07
N LEU A 86 5.99 -3.79 2.98
CA LEU A 86 5.59 -4.53 4.17
C LEU A 86 4.51 -3.78 4.95
N LYS A 87 4.62 -2.45 4.98
CA LYS A 87 3.64 -1.61 5.67
C LYS A 87 2.27 -1.68 5.02
N THR A 88 2.20 -1.75 3.69
CA THR A 88 0.90 -1.78 3.02
C THR A 88 0.13 -3.05 3.33
N PHE A 89 0.85 -4.13 3.68
CA PHE A 89 0.22 -5.40 3.93
C PHE A 89 -0.65 -5.36 5.22
N GLN A 90 -1.90 -5.75 5.10
CA GLN A 90 -2.87 -5.58 6.19
C GLN A 90 -2.86 -6.69 7.26
N ASN A 91 -2.81 -7.94 6.83
CA ASN A 91 -2.87 -9.09 7.75
C ASN A 91 -1.79 -10.13 7.47
N THR A 92 -2.06 -11.10 6.61
CA THR A 92 -1.08 -12.16 6.38
C THR A 92 0.01 -11.70 5.42
N VAL A 93 1.24 -12.06 5.76
CA VAL A 93 2.38 -11.83 4.91
C VAL A 93 3.02 -13.18 4.65
N GLU A 94 2.94 -13.62 3.40
CA GLU A 94 3.58 -14.85 2.98
C GLU A 94 4.97 -14.52 2.48
N LEU A 95 5.98 -14.99 3.19
CA LEU A 95 7.37 -14.73 2.87
C LEU A 95 8.00 -15.96 2.28
N ILE A 96 8.86 -15.75 1.29
CA ILE A 96 9.84 -16.74 0.88
C ILE A 96 11.17 -16.22 1.39
N ILE A 97 11.81 -17.04 2.23
CA ILE A 97 13.10 -16.69 2.82
C ILE A 97 14.16 -17.69 2.39
N VAL A 98 15.40 -17.24 2.47
CA VAL A 98 16.57 -18.11 2.35
C VAL A 98 17.26 -18.09 3.71
N ARG A 99 17.38 -19.27 4.30
CA ARG A 99 17.98 -19.45 5.61
C ARG A 99 19.26 -20.24 5.44
N GLU A 100 20.37 -19.74 5.98
CA GLU A 100 21.62 -20.50 5.98
C GLU A 100 21.56 -21.49 7.14
N VAL A 101 21.97 -22.71 6.85
CA VAL A 101 21.91 -23.81 7.80
C VAL A 101 23.33 -24.34 7.99
N SER A 102 23.90 -24.07 9.13
CA SER A 102 25.22 -24.63 9.45
C SER A 102 25.10 -26.11 9.64
N SER A 103 26.23 -26.71 9.27
CA SER A 103 26.47 -28.10 9.10
C SER A 103 26.81 -28.68 10.47
N GLY B 5 8.06 2.74 -6.82
CA GLY B 5 8.22 1.44 -7.54
C GLY B 5 7.10 0.42 -7.34
N HIS B 6 5.95 0.89 -6.84
CA HIS B 6 4.82 0.04 -6.52
C HIS B 6 3.54 0.84 -6.67
N GLU B 7 2.54 0.27 -7.31
CA GLU B 7 1.22 0.86 -7.36
C GLU B 7 0.25 -0.14 -6.78
N LEU B 8 -0.56 0.33 -5.84
CA LEU B 8 -1.56 -0.52 -5.24
C LEU B 8 -2.60 -0.96 -6.25
N ALA B 9 -3.19 -2.12 -6.00
CA ALA B 9 -4.40 -2.53 -6.69
C ALA B 9 -5.51 -1.52 -6.45
N LYS B 10 -6.48 -1.53 -7.34
CA LYS B 10 -7.62 -0.63 -7.21
C LYS B 10 -8.87 -1.35 -7.68
N GLN B 11 -10.02 -0.93 -7.16
CA GLN B 11 -11.29 -1.52 -7.58
C GLN B 11 -12.37 -0.45 -7.69
N GLU B 12 -13.36 -0.73 -8.54
CA GLU B 12 -14.53 0.13 -8.70
C GLU B 12 -15.62 -0.27 -7.71
N ILE B 13 -16.17 0.72 -7.02
CA ILE B 13 -17.22 0.46 -6.02
C ILE B 13 -18.30 1.52 -6.21
N ARG B 14 -19.57 1.09 -6.13
CA ARG B 14 -20.69 2.01 -6.09
C ARG B 14 -20.86 2.53 -4.65
N VAL B 15 -21.01 3.85 -4.54
CA VAL B 15 -21.16 4.52 -3.24
C VAL B 15 -22.37 5.44 -3.33
N ARG B 16 -23.34 5.29 -2.43
CA ARG B 16 -24.51 6.18 -2.40
C ARG B 16 -24.41 7.11 -1.22
N VAL B 17 -24.35 8.41 -1.51
CA VAL B 17 -24.27 9.45 -0.48
C VAL B 17 -25.59 10.23 -0.51
N GLU B 18 -26.23 10.37 0.65
CA GLU B 18 -27.49 11.11 0.76
C GLU B 18 -27.15 12.51 1.26
N LYS B 19 -27.19 13.51 0.36
CA LYS B 19 -26.86 14.88 0.73
C LYS B 19 -27.83 15.35 1.81
N ASP B 20 -27.30 16.14 2.77
CA ASP B 20 -28.05 16.48 3.97
C ASP B 20 -28.39 17.96 4.28
N PRO B 21 -28.41 18.87 3.28
CA PRO B 21 -28.26 18.84 1.85
C PRO B 21 -26.82 18.99 1.41
N GLU B 22 -25.87 18.92 2.36
CA GLU B 22 -24.46 19.09 2.03
C GLU B 22 -23.87 17.78 1.55
N LEU B 23 -22.79 17.92 0.80
CA LEU B 23 -22.08 16.78 0.22
C LEU B 23 -21.28 15.99 1.26
N GLY B 24 -20.61 16.72 2.10
CA GLY B 24 -19.75 16.15 3.10
C GLY B 24 -18.36 15.77 2.64
N PHE B 25 -17.92 16.24 1.46
CA PHE B 25 -16.55 15.99 1.04
C PHE B 25 -16.15 17.03 0.02
N SER B 26 -14.83 17.13 -0.16
CA SER B 26 -14.21 18.02 -1.11
C SER B 26 -13.54 17.22 -2.23
N ILE B 27 -13.31 17.90 -3.36
CA ILE B 27 -12.64 17.28 -4.49
C ILE B 27 -11.55 18.20 -5.05
N SER B 28 -10.56 17.56 -5.65
CA SER B 28 -9.52 18.23 -6.44
C SER B 28 -9.35 17.50 -7.76
N GLY B 29 -8.97 18.26 -8.78
CA GLY B 29 -8.53 17.69 -10.03
C GLY B 29 -9.30 18.19 -11.23
N GLY B 30 -9.36 17.37 -12.27
CA GLY B 30 -10.10 17.70 -13.49
C GLY B 30 -9.21 18.04 -14.66
N VAL B 31 -9.79 17.91 -15.85
CA VAL B 31 -9.08 18.24 -17.10
C VAL B 31 -8.73 19.69 -17.17
N GLY B 32 -7.47 19.97 -17.51
CA GLY B 32 -7.00 21.33 -17.52
C GLY B 32 -6.98 21.97 -16.14
N GLY B 33 -7.06 21.13 -15.10
CA GLY B 33 -7.16 21.59 -13.74
C GLY B 33 -5.82 21.69 -13.03
N ARG B 34 -5.92 21.75 -11.71
CA ARG B 34 -4.80 22.07 -10.87
C ARG B 34 -4.15 20.81 -10.26
N GLY B 35 -4.58 19.61 -10.66
CA GLY B 35 -4.02 18.38 -10.11
C GLY B 35 -4.68 17.98 -8.80
N ASN B 36 -4.08 17.01 -8.13
CA ASN B 36 -4.65 16.44 -6.92
C ASN B 36 -3.53 15.95 -6.00
N PRO B 37 -3.84 15.74 -4.71
CA PRO B 37 -2.76 15.37 -3.76
C PRO B 37 -2.22 13.95 -3.83
N PHE B 38 -2.73 13.11 -4.72
CA PHE B 38 -2.49 11.66 -4.65
C PHE B 38 -1.79 11.06 -5.87
N ARG B 39 -2.23 11.43 -7.08
CA ARG B 39 -1.78 10.83 -8.34
C ARG B 39 -1.41 11.96 -9.30
N PRO B 40 -0.11 12.31 -9.36
CA PRO B 40 0.33 13.49 -10.12
C PRO B 40 0.12 13.45 -11.64
N ASP B 41 -0.07 12.26 -12.22
CA ASP B 41 -0.29 12.16 -13.67
C ASP B 41 -1.71 11.82 -14.11
N ASP B 42 -2.68 11.97 -13.20
CA ASP B 42 -4.08 11.67 -13.48
C ASP B 42 -4.80 13.02 -13.35
N ASP B 43 -5.44 13.45 -14.43
CA ASP B 43 -6.23 14.69 -14.41
C ASP B 43 -7.66 14.47 -13.94
N GLY B 44 -7.92 13.32 -13.31
CA GLY B 44 -9.24 13.03 -12.81
C GLY B 44 -9.61 13.74 -11.51
N ILE B 45 -10.78 13.36 -11.02
CA ILE B 45 -11.44 13.99 -9.88
C ILE B 45 -11.24 13.08 -8.66
N PHE B 46 -10.59 13.62 -7.62
CA PHE B 46 -10.26 12.86 -6.42
C PHE B 46 -10.92 13.50 -5.20
N VAL B 47 -11.46 12.62 -4.36
CA VAL B 47 -11.92 13.03 -3.03
C VAL B 47 -10.72 13.41 -2.18
N THR B 48 -10.81 14.58 -1.54
CA THR B 48 -9.74 15.02 -0.65
C THR B 48 -10.25 14.90 0.79
N ARG B 49 -10.66 16.00 1.42
CA ARG B 49 -11.24 15.96 2.75
C ARG B 49 -12.59 15.26 2.72
N VAL B 50 -12.83 14.40 3.72
CA VAL B 50 -14.15 13.81 3.98
C VAL B 50 -14.56 14.28 5.38
N GLN B 51 -15.69 14.95 5.47
CA GLN B 51 -16.13 15.50 6.75
C GLN B 51 -16.61 14.38 7.68
N PRO B 52 -16.10 14.33 8.91
CA PRO B 52 -16.53 13.25 9.83
C PRO B 52 -18.02 13.31 10.18
N GLU B 53 -18.59 14.50 10.14
CA GLU B 53 -19.99 14.69 10.50
C GLU B 53 -20.90 14.64 9.28
N GLY B 54 -20.33 14.54 8.08
CA GLY B 54 -21.13 14.59 6.87
C GLY B 54 -21.60 13.22 6.43
N PRO B 55 -22.45 13.19 5.40
CA PRO B 55 -23.10 11.93 5.00
C PRO B 55 -22.20 10.95 4.26
N ALA B 56 -20.96 11.37 3.96
CA ALA B 56 -19.99 10.50 3.30
C ALA B 56 -18.99 9.91 4.29
N SER B 57 -19.15 10.14 5.58
CA SER B 57 -18.12 9.78 6.54
C SER B 57 -17.79 8.31 6.60
N LYS B 58 -18.77 7.45 6.40
CA LYS B 58 -18.49 6.01 6.44
C LYS B 58 -18.27 5.40 5.05
N LEU B 59 -18.31 6.25 4.03
CA LEU B 59 -18.53 5.81 2.66
C LEU B 59 -17.42 6.19 1.68
N LEU B 60 -16.77 7.33 1.92
CA LEU B 60 -15.68 7.80 1.06
C LEU B 60 -14.43 8.00 1.89
N GLN B 61 -13.29 7.97 1.22
CA GLN B 61 -12.00 8.17 1.85
C GLN B 61 -11.15 9.07 0.99
N PRO B 62 -10.28 9.86 1.65
CA PRO B 62 -9.34 10.64 0.86
C PRO B 62 -8.61 9.74 -0.13
N GLY B 63 -8.50 10.22 -1.36
CA GLY B 63 -7.80 9.50 -2.41
C GLY B 63 -8.70 8.70 -3.34
N ASP B 64 -9.96 8.51 -2.97
CA ASP B 64 -10.91 7.88 -3.87
C ASP B 64 -11.00 8.72 -5.15
N LYS B 65 -11.05 8.05 -6.31
CA LYS B 65 -11.24 8.73 -7.59
C LYS B 65 -12.70 8.58 -7.98
N ILE B 66 -13.40 9.69 -8.26
CA ILE B 66 -14.78 9.61 -8.74
C ILE B 66 -14.75 9.43 -10.24
N ILE B 67 -15.31 8.33 -10.76
CA ILE B 67 -15.36 8.14 -12.20
C ILE B 67 -16.76 8.31 -12.78
N GLN B 68 -17.81 8.31 -11.96
CA GLN B 68 -19.16 8.51 -12.42
C GLN B 68 -19.99 9.01 -11.26
N ALA B 69 -20.99 9.85 -11.53
CA ALA B 69 -21.94 10.29 -10.47
C ALA B 69 -23.28 10.53 -11.15
N ASN B 70 -24.32 9.87 -10.64
CA ASN B 70 -25.68 10.02 -11.17
C ASN B 70 -25.74 9.93 -12.67
N GLY B 71 -24.99 8.97 -13.19
CA GLY B 71 -24.99 8.71 -14.62
C GLY B 71 -24.08 9.57 -15.48
N TYR B 72 -23.45 10.59 -14.89
CA TYR B 72 -22.51 11.47 -15.59
C TYR B 72 -21.12 10.89 -15.48
N SER B 73 -20.37 10.96 -16.57
CA SER B 73 -18.95 10.66 -16.50
C SER B 73 -18.24 11.73 -15.69
N PHE B 74 -17.36 11.29 -14.78
CA PHE B 74 -16.44 12.16 -14.06
C PHE B 74 -15.01 12.03 -14.54
N ILE B 75 -14.78 11.20 -15.55
CA ILE B 75 -13.49 11.14 -16.23
C ILE B 75 -13.58 12.05 -17.45
N ASN B 76 -12.46 12.71 -17.72
CA ASN B 76 -12.35 13.57 -18.89
C ASN B 76 -13.29 14.77 -18.87
N ILE B 77 -13.59 15.25 -17.66
CA ILE B 77 -14.34 16.48 -17.45
C ILE B 77 -13.54 17.47 -16.60
N GLU B 78 -13.86 18.74 -16.75
CA GLU B 78 -13.22 19.79 -15.95
C GLU B 78 -13.72 19.85 -14.53
N HIS B 79 -12.89 20.43 -13.65
CA HIS B 79 -13.21 20.59 -12.24
C HIS B 79 -14.52 21.32 -12.06
N GLY B 80 -14.71 22.43 -12.80
CA GLY B 80 -15.90 23.23 -12.58
C GLY B 80 -17.17 22.46 -12.87
N GLN B 81 -17.15 21.62 -13.91
CA GLN B 81 -18.31 20.78 -14.20
C GLN B 81 -18.53 19.81 -13.04
N ALA B 82 -17.47 19.16 -12.56
CA ALA B 82 -17.59 18.20 -11.45
C ALA B 82 -18.22 18.86 -10.23
N VAL B 83 -17.73 20.05 -9.85
CA VAL B 83 -18.26 20.75 -8.70
C VAL B 83 -19.72 21.15 -8.92
N SER B 84 -20.01 21.71 -10.09
CA SER B 84 -21.37 22.12 -10.40
C SER B 84 -22.34 20.93 -10.31
N LEU B 85 -21.97 19.81 -10.93
CA LEU B 85 -22.80 18.62 -10.90
C LEU B 85 -23.05 18.19 -9.47
N LEU B 86 -21.99 18.00 -8.68
CA LEU B 86 -22.14 17.50 -7.32
C LEU B 86 -23.02 18.44 -6.49
N LYS B 87 -22.81 19.75 -6.60
CA LYS B 87 -23.59 20.69 -5.81
C LYS B 87 -25.05 20.75 -6.23
N THR B 88 -25.32 20.54 -7.52
CA THR B 88 -26.65 20.70 -8.05
C THR B 88 -27.47 19.41 -8.10
N PHE B 89 -26.87 18.25 -7.79
CA PHE B 89 -27.63 17.01 -7.79
C PHE B 89 -28.71 17.06 -6.82
N GLN B 90 -29.79 16.36 -7.16
CA GLN B 90 -30.74 15.87 -6.20
C GLN B 90 -29.96 15.21 -5.07
N ASN B 91 -30.62 15.09 -3.96
CA ASN B 91 -30.04 14.58 -2.75
C ASN B 91 -29.38 13.20 -2.80
N THR B 92 -29.90 12.21 -3.50
CA THR B 92 -29.18 10.93 -3.55
C THR B 92 -28.13 11.02 -4.65
N VAL B 93 -26.87 10.83 -4.26
CA VAL B 93 -25.77 10.86 -5.21
C VAL B 93 -25.16 9.46 -5.28
N GLU B 94 -25.33 8.85 -6.43
CA GLU B 94 -24.81 7.52 -6.69
C GLU B 94 -23.49 7.64 -7.45
N LEU B 95 -22.39 7.41 -6.75
CA LEU B 95 -21.06 7.51 -7.30
C LEU B 95 -20.56 6.13 -7.71
N ILE B 96 -19.70 6.09 -8.72
CA ILE B 96 -18.78 4.98 -8.89
C ILE B 96 -17.41 5.56 -8.61
N ILE B 97 -16.71 4.97 -7.65
CA ILE B 97 -15.38 5.38 -7.27
C ILE B 97 -14.37 4.28 -7.58
N VAL B 98 -13.13 4.68 -7.74
CA VAL B 98 -12.00 3.78 -7.80
C VAL B 98 -11.25 3.96 -6.48
N ARG B 99 -11.13 2.86 -5.74
CA ARG B 99 -10.52 2.86 -4.43
C ARG B 99 -9.31 1.93 -4.43
N GLU B 100 -8.22 2.41 -3.85
CA GLU B 100 -7.03 1.57 -3.69
C GLU B 100 -7.27 0.51 -2.63
N VAL B 101 -6.68 -0.65 -2.88
CA VAL B 101 -6.81 -1.83 -2.04
C VAL B 101 -5.47 -2.35 -1.63
N SER B 102 -5.31 -2.62 -0.34
CA SER B 102 -4.15 -3.35 0.14
C SER B 102 -4.49 -4.85 0.19
#